data_4HMR
#
_entry.id   4HMR
#
_cell.length_a   29.530
_cell.length_b   86.440
_cell.length_c   87.090
_cell.angle_alpha   90.00
_cell.angle_beta   90.00
_cell.angle_gamma   90.00
#
_symmetry.space_group_name_H-M   'P 21 21 21'
#
loop_
_entity.id
_entity.type
_entity.pdbx_description
1 polymer 'Major prion protein'
2 non-polymer 'CHLORIDE ION'
3 non-polymer 'SODIUM ION'
4 non-polymer GLYCEROL
5 water water
#
_entity_poly.entity_id   1
_entity_poly.type   'polypeptide(L)'
_entity_poly.pdbx_seq_one_letter_code
;MGSSHHHHHHSSGLVPRGSHMAVVGGLGGYMLGSAMSRPLIHFGNDYEDRYYRENMYRYPNQVYYRPVDQYNNQNNFVHD
CVNITVKQHTVTTTTKGENFTETDIKIMERVVEQMCITQYQQESQAAYQRAA
;
_entity_poly.pdbx_strand_id   A,B
#
loop_
_chem_comp.id
_chem_comp.type
_chem_comp.name
_chem_comp.formula
CL non-polymer 'CHLORIDE ION' 'Cl -1'
GOL non-polymer GLYCEROL 'C3 H8 O3'
NA non-polymer 'SODIUM ION' 'Na 1'
#
# COMPACT_ATOMS: atom_id res chain seq x y z
N GLY A 28 -5.36 -7.68 -7.13
CA GLY A 28 -6.39 -8.72 -7.45
C GLY A 28 -6.66 -9.63 -6.28
N GLY A 29 -7.86 -10.20 -6.29
CA GLY A 29 -8.93 -9.67 -7.10
C GLY A 29 -9.47 -8.39 -6.46
N TYR A 30 -8.96 -7.22 -6.88
CA TYR A 30 -9.62 -5.96 -6.52
C TYR A 30 -10.51 -5.47 -7.62
N MET A 31 -11.55 -4.75 -7.23
CA MET A 31 -12.36 -4.03 -8.18
C MET A 31 -11.68 -2.75 -8.64
N LEU A 32 -11.83 -2.43 -9.92
CA LEU A 32 -11.28 -1.20 -10.48
C LEU A 32 -12.41 -0.31 -11.01
N GLY A 33 -12.59 0.84 -10.37
CA GLY A 33 -13.68 1.77 -10.73
C GLY A 33 -13.45 2.46 -12.06
N SER A 34 -14.50 3.08 -12.60
CA SER A 34 -14.36 3.78 -13.88
C SER A 34 -13.56 5.06 -13.67
N ALA A 35 -12.83 5.44 -14.71
CA ALA A 35 -12.10 6.70 -14.68
C ALA A 35 -13.06 7.87 -14.51
N MET A 36 -12.67 8.83 -13.67
CA MET A 36 -13.43 10.05 -13.49
CA MET A 36 -13.42 10.05 -13.52
C MET A 36 -12.52 11.26 -13.69
N SER A 37 -13.13 12.43 -13.84
CA SER A 37 -12.39 13.68 -13.80
C SER A 37 -11.76 13.86 -12.42
N ARG A 38 -10.48 14.21 -12.41
CA ARG A 38 -9.84 14.41 -11.13
C ARG A 38 -10.52 15.58 -10.40
N PRO A 39 -10.84 15.38 -9.11
CA PRO A 39 -11.71 16.24 -8.36
C PRO A 39 -11.11 17.63 -8.15
N LEU A 40 -11.98 18.63 -8.08
CA LEU A 40 -11.58 19.96 -7.62
C LEU A 40 -11.47 19.92 -6.12
N ILE A 41 -10.29 20.27 -5.61
CA ILE A 41 -10.02 20.23 -4.17
C ILE A 41 -9.35 21.54 -3.81
N HIS A 42 -9.93 22.24 -2.84
CA HIS A 42 -9.30 23.40 -2.27
C HIS A 42 -8.44 22.98 -1.09
N PHE A 43 -7.15 22.77 -1.34
CA PHE A 43 -6.23 22.43 -0.27
C PHE A 43 -6.02 23.65 0.61
N GLY A 44 -6.03 23.43 1.92
CA GLY A 44 -5.76 24.47 2.90
C GLY A 44 -4.35 25.05 2.83
N ASN A 45 -3.39 24.18 2.54
CA ASN A 45 -2.03 24.58 2.31
C ASN A 45 -1.95 25.14 0.90
N ASP A 46 -1.64 26.44 0.81
CA ASP A 46 -1.68 27.16 -0.47
C ASP A 46 -0.70 26.55 -1.50
N TYR A 47 0.50 26.16 -1.05
CA TYR A 47 1.49 25.58 -1.96
C TYR A 47 0.96 24.22 -2.49
N GLU A 48 0.38 23.40 -1.61
CA GLU A 48 -0.19 22.15 -2.06
C GLU A 48 -1.31 22.40 -3.07
N ASP A 49 -2.12 23.40 -2.79
CA ASP A 49 -3.23 23.77 -3.66
C ASP A 49 -2.72 24.07 -5.06
N ARG A 50 -1.69 24.88 -5.17
CA ARG A 50 -1.07 25.20 -6.46
C ARG A 50 -0.39 23.97 -7.11
N TYR A 51 0.23 23.17 -6.28
CA TYR A 51 0.96 22.00 -6.75
C TYR A 51 0.04 20.96 -7.38
N TYR A 52 -1.12 20.76 -6.77
CA TYR A 52 -2.11 19.86 -7.32
C TYR A 52 -2.52 20.24 -8.73
N ARG A 53 -2.79 21.54 -8.92
CA ARG A 53 -3.16 22.02 -10.23
C ARG A 53 -2.03 21.88 -11.24
N GLU A 54 -0.82 22.25 -10.83
N GLU A 54 -0.82 22.30 -10.85
CA GLU A 54 0.34 22.25 -11.71
CA GLU A 54 0.32 22.23 -11.76
C GLU A 54 0.67 20.84 -12.20
C GLU A 54 0.57 20.82 -12.24
N ASN A 55 0.44 19.87 -11.31
CA ASN A 55 0.91 18.51 -11.48
C ASN A 55 -0.20 17.47 -11.48
N MET A 56 -1.44 17.93 -11.76
CA MET A 56 -2.65 17.15 -11.57
CA MET A 56 -2.67 17.15 -11.59
C MET A 56 -2.62 15.77 -12.25
N TYR A 57 -2.01 15.69 -13.43
CA TYR A 57 -2.02 14.43 -14.17
C TYR A 57 -1.14 13.33 -13.54
N ARG A 58 -0.31 13.69 -12.56
CA ARG A 58 0.46 12.70 -11.84
C ARG A 58 -0.36 11.74 -10.99
N TYR A 59 -1.58 12.15 -10.67
CA TYR A 59 -2.39 11.48 -9.67
C TYR A 59 -3.40 10.57 -10.34
N PRO A 60 -3.87 9.54 -9.62
CA PRO A 60 -4.83 8.63 -10.22
C PRO A 60 -6.13 9.32 -10.64
N ASN A 61 -6.80 8.77 -11.65
CA ASN A 61 -8.17 9.15 -11.96
C ASN A 61 -9.16 7.98 -11.87
N GLN A 62 -8.75 6.92 -11.17
CA GLN A 62 -9.61 5.77 -10.88
C GLN A 62 -9.08 5.08 -9.64
N VAL A 63 -9.98 4.41 -8.93
CA VAL A 63 -9.64 3.80 -7.65
C VAL A 63 -9.87 2.29 -7.65
N TYR A 64 -9.02 1.59 -6.93
CA TYR A 64 -9.10 0.15 -6.74
C TYR A 64 -9.68 -0.08 -5.35
N TYR A 65 -10.50 -1.11 -5.21
CA TYR A 65 -11.22 -1.33 -3.95
C TYR A 65 -11.66 -2.77 -3.80
N ARG A 66 -12.00 -3.15 -2.57
CA ARG A 66 -12.74 -4.38 -2.35
C ARG A 66 -14.22 -4.05 -2.39
N PRO A 67 -15.04 -5.03 -2.77
CA PRO A 67 -16.47 -4.76 -3.02
C PRO A 67 -17.16 -4.08 -1.85
N VAL A 68 -18.04 -3.14 -2.18
CA VAL A 68 -18.64 -2.27 -1.16
C VAL A 68 -19.37 -3.09 -0.11
N ASP A 69 -20.06 -4.14 -0.55
CA ASP A 69 -20.90 -4.92 0.35
C ASP A 69 -20.07 -5.67 1.38
N GLN A 70 -18.73 -5.61 1.28
CA GLN A 70 -17.88 -6.20 2.31
C GLN A 70 -17.70 -5.26 3.49
N TYR A 71 -18.25 -4.05 3.39
CA TYR A 71 -18.07 -3.05 4.43
C TYR A 71 -19.35 -2.60 5.12
N ASN A 72 -19.18 -2.27 6.41
CA ASN A 72 -20.26 -1.77 7.25
C ASN A 72 -20.35 -0.26 7.16
N ASN A 73 -19.24 0.41 6.92
CA ASN A 73 -19.27 1.86 6.84
C ASN A 73 -18.28 2.49 5.88
N GLN A 74 -18.61 3.74 5.53
CA GLN A 74 -17.87 4.45 4.49
C GLN A 74 -16.42 4.56 4.87
N ASN A 75 -16.16 4.86 6.13
CA ASN A 75 -14.81 5.13 6.60
C ASN A 75 -13.84 3.98 6.38
N ASN A 76 -14.26 2.78 6.76
CA ASN A 76 -13.41 1.60 6.60
C ASN A 76 -13.20 1.29 5.13
N PHE A 77 -14.24 1.51 4.32
CA PHE A 77 -14.10 1.27 2.90
C PHE A 77 -13.04 2.20 2.33
N VAL A 78 -13.14 3.46 2.68
CA VAL A 78 -12.27 4.48 2.11
C VAL A 78 -10.81 4.26 2.55
N HIS A 79 -10.64 3.91 3.82
CA HIS A 79 -9.32 3.57 4.32
C HIS A 79 -8.63 2.53 3.43
N ASP A 80 -9.33 1.46 3.11
CA ASP A 80 -8.74 0.38 2.32
C ASP A 80 -8.55 0.82 0.87
N CYS A 81 -9.56 1.52 0.34
CA CYS A 81 -9.53 2.02 -1.03
C CYS A 81 -8.33 2.96 -1.25
N VAL A 82 -8.08 3.81 -0.28
CA VAL A 82 -6.93 4.71 -0.36
C VAL A 82 -5.64 3.90 -0.34
N ASN A 83 -5.53 2.96 0.59
CA ASN A 83 -4.28 2.20 0.71
C ASN A 83 -3.98 1.40 -0.55
N ILE A 84 -5.00 0.73 -1.07
CA ILE A 84 -4.82 -0.12 -2.22
C ILE A 84 -4.50 0.69 -3.47
N THR A 85 -5.18 1.80 -3.63
CA THR A 85 -5.02 2.63 -4.81
C THR A 85 -3.66 3.30 -4.78
N VAL A 86 -3.27 3.82 -3.63
CA VAL A 86 -1.96 4.44 -3.53
C VAL A 86 -0.82 3.44 -3.73
N LYS A 87 -0.98 2.24 -3.18
CA LYS A 87 -0.01 1.19 -3.39
C LYS A 87 0.12 0.90 -4.87
N GLN A 88 -1.00 0.67 -5.56
CA GLN A 88 -0.95 0.31 -6.97
C GLN A 88 -0.33 1.42 -7.82
N HIS A 89 -0.70 2.66 -7.54
CA HIS A 89 -0.19 3.78 -8.35
C HIS A 89 1.30 3.98 -8.14
N THR A 90 1.74 3.83 -6.90
CA THR A 90 3.16 4.01 -6.56
CA THR A 90 3.15 4.03 -6.61
C THR A 90 3.98 2.88 -7.18
N VAL A 91 3.47 1.66 -7.10
CA VAL A 91 4.16 0.52 -7.69
C VAL A 91 4.28 0.66 -9.20
N THR A 92 3.21 1.08 -9.86
CA THR A 92 3.20 1.23 -11.32
C THR A 92 4.19 2.30 -11.75
N THR A 93 4.24 3.36 -10.96
CA THR A 93 5.14 4.46 -11.24
C THR A 93 6.63 4.12 -11.02
N THR A 94 6.92 3.46 -9.90
CA THR A 94 8.34 3.20 -9.57
C THR A 94 8.99 2.26 -10.58
N THR A 95 8.21 1.33 -11.10
CA THR A 95 8.77 0.31 -11.96
C THR A 95 9.04 0.85 -13.36
N LYS A 96 8.50 2.03 -13.67
CA LYS A 96 8.79 2.73 -14.92
C LYS A 96 9.98 3.66 -14.82
N GLY A 97 10.57 3.75 -13.64
CA GLY A 97 11.72 4.63 -13.39
C GLY A 97 11.32 6.04 -13.04
N GLU A 98 10.05 6.25 -12.73
CA GLU A 98 9.60 7.57 -12.26
C GLU A 98 9.46 7.64 -10.75
N ASN A 99 9.19 8.85 -10.24
CA ASN A 99 9.16 9.11 -8.80
C ASN A 99 8.05 10.04 -8.40
N PHE A 100 7.61 9.88 -7.16
CA PHE A 100 6.77 10.87 -6.50
C PHE A 100 7.53 11.58 -5.41
N THR A 101 7.26 12.87 -5.27
CA THR A 101 7.78 13.69 -4.18
C THR A 101 6.94 13.50 -2.92
N GLU A 102 7.43 13.96 -1.77
CA GLU A 102 6.63 13.98 -0.55
C GLU A 102 5.33 14.77 -0.76
N THR A 103 5.41 15.90 -1.46
CA THR A 103 4.21 16.68 -1.76
C THR A 103 3.21 15.89 -2.62
N ASP A 104 3.73 15.20 -3.63
CA ASP A 104 2.89 14.31 -4.46
C ASP A 104 2.12 13.32 -3.59
N ILE A 105 2.79 12.69 -2.61
CA ILE A 105 2.13 11.67 -1.83
C ILE A 105 0.98 12.28 -1.02
N LYS A 106 1.23 13.42 -0.40
CA LYS A 106 0.21 14.09 0.38
C LYS A 106 -1.02 14.42 -0.47
N ILE A 107 -0.76 14.94 -1.65
CA ILE A 107 -1.83 15.33 -2.56
C ILE A 107 -2.56 14.10 -3.06
N MET A 108 -1.80 13.07 -3.41
N MET A 108 -1.82 13.07 -3.44
CA MET A 108 -2.36 11.82 -3.89
CA MET A 108 -2.43 11.82 -3.92
C MET A 108 -3.31 11.15 -2.91
C MET A 108 -3.38 11.22 -2.89
N GLU A 109 -2.97 11.18 -1.62
CA GLU A 109 -3.79 10.56 -0.61
C GLU A 109 -5.13 11.28 -0.53
N ARG A 110 -5.11 12.60 -0.64
CA ARG A 110 -6.31 13.42 -0.57
C ARG A 110 -7.19 13.24 -1.82
N VAL A 111 -6.57 13.20 -2.98
CA VAL A 111 -7.28 13.04 -4.24
C VAL A 111 -7.98 11.68 -4.27
N VAL A 112 -7.24 10.66 -3.84
CA VAL A 112 -7.74 9.31 -3.84
C VAL A 112 -8.84 9.16 -2.80
N GLU A 113 -8.68 9.78 -1.63
CA GLU A 113 -9.74 9.77 -0.61
C GLU A 113 -11.05 10.27 -1.19
N GLN A 114 -11.01 11.38 -1.91
CA GLN A 114 -12.22 11.94 -2.47
C GLN A 114 -12.86 11.01 -3.50
N MET A 115 -12.04 10.40 -4.35
CA MET A 115 -12.55 9.50 -5.38
CA MET A 115 -12.56 9.51 -5.38
C MET A 115 -13.08 8.23 -4.74
N CYS A 116 -12.45 7.79 -3.65
CA CYS A 116 -12.96 6.63 -2.94
C CYS A 116 -14.33 6.89 -2.29
N ILE A 117 -14.51 8.08 -1.72
CA ILE A 117 -15.79 8.45 -1.15
C ILE A 117 -16.85 8.46 -2.24
N THR A 118 -16.51 9.07 -3.38
CA THR A 118 -17.42 9.14 -4.51
C THR A 118 -17.81 7.72 -4.98
N GLN A 119 -16.80 6.85 -5.06
CA GLN A 119 -17.01 5.47 -5.50
C GLN A 119 -17.93 4.73 -4.52
N TYR A 120 -17.69 4.89 -3.22
CA TYR A 120 -18.54 4.28 -2.20
C TYR A 120 -20.01 4.73 -2.30
N GLN A 121 -20.23 6.02 -2.45
CA GLN A 121 -21.58 6.55 -2.52
C GLN A 121 -22.29 6.15 -3.83
N GLN A 122 -21.54 6.11 -4.87
CA GLN A 122 -22.10 5.72 -6.12
C GLN A 122 -22.46 4.25 -6.18
N GLU A 123 -21.52 3.41 -5.84
CA GLU A 123 -21.68 1.95 -5.99
C GLU A 123 -22.66 1.37 -4.97
N SER A 124 -22.75 2.07 -3.83
CA SER A 124 -23.77 1.73 -2.83
C SER A 124 -25.14 2.11 -3.32
N GLN A 125 -25.23 3.25 -4.02
CA GLN A 125 -26.48 3.65 -4.67
C GLN A 125 -26.73 2.81 -5.91
N GLY B 28 -0.56 4.73 9.97
CA GLY B 28 -1.10 4.80 11.36
C GLY B 28 -2.62 4.79 11.40
N GLY B 29 -3.20 4.45 12.55
CA GLY B 29 -2.49 3.72 13.60
C GLY B 29 -2.28 2.22 13.33
N TYR B 30 -1.22 1.92 12.62
CA TYR B 30 -0.78 0.55 12.41
C TYR B 30 0.28 0.22 13.45
N MET B 31 0.49 -1.08 13.69
CA MET B 31 1.65 -1.58 14.44
CA MET B 31 1.65 -1.51 14.44
C MET B 31 2.85 -1.64 13.51
N LEU B 32 4.03 -1.36 14.05
CA LEU B 32 5.29 -1.66 13.39
C LEU B 32 6.02 -2.73 14.16
N GLY B 33 6.26 -3.85 13.50
CA GLY B 33 6.96 -4.97 14.10
C GLY B 33 8.44 -4.73 14.26
N SER B 34 9.07 -5.52 15.13
CA SER B 34 10.53 -5.46 15.27
C SER B 34 11.20 -6.00 14.02
N ALA B 35 12.40 -5.50 13.76
CA ALA B 35 13.21 -6.02 12.66
C ALA B 35 13.51 -7.49 12.87
N MET B 36 13.54 -8.23 11.77
CA MET B 36 13.90 -9.63 11.78
C MET B 36 14.88 -9.89 10.63
N SER B 37 15.63 -10.99 10.71
CA SER B 37 16.46 -11.39 9.57
C SER B 37 15.56 -11.66 8.38
N ARG B 38 15.94 -11.15 7.22
CA ARG B 38 15.13 -11.37 6.04
C ARG B 38 15.07 -12.87 5.71
N PRO B 39 13.87 -13.36 5.33
CA PRO B 39 13.69 -14.80 5.20
C PRO B 39 14.45 -15.38 4.01
N LEU B 40 14.98 -16.57 4.21
CA LEU B 40 15.63 -17.36 3.18
C LEU B 40 14.57 -18.06 2.32
N ILE B 41 14.04 -17.30 1.38
CA ILE B 41 13.07 -17.82 0.44
C ILE B 41 13.74 -18.57 -0.70
N HIS B 42 13.21 -19.74 -1.03
CA HIS B 42 13.63 -20.41 -2.27
C HIS B 42 12.62 -20.05 -3.35
N PHE B 43 13.02 -19.14 -4.21
CA PHE B 43 12.23 -18.78 -5.37
C PHE B 43 12.41 -19.85 -6.45
N GLY B 44 11.29 -20.32 -6.99
CA GLY B 44 11.29 -21.31 -8.07
C GLY B 44 11.99 -20.80 -9.32
N ASN B 45 11.85 -19.51 -9.57
CA ASN B 45 12.48 -18.87 -10.71
C ASN B 45 13.96 -18.59 -10.34
N ASP B 46 14.89 -19.20 -11.07
CA ASP B 46 16.30 -19.14 -10.71
C ASP B 46 16.82 -17.71 -10.73
N TYR B 47 16.40 -16.92 -11.72
CA TYR B 47 16.87 -15.53 -11.79
C TYR B 47 16.34 -14.71 -10.59
N GLU B 48 15.09 -14.94 -10.18
CA GLU B 48 14.58 -14.26 -8.98
C GLU B 48 15.37 -14.66 -7.73
N ASP B 49 15.77 -15.92 -7.64
CA ASP B 49 16.57 -16.37 -6.50
C ASP B 49 17.90 -15.60 -6.47
N ARG B 50 18.56 -15.55 -7.61
CA ARG B 50 19.78 -14.80 -7.74
C ARG B 50 19.63 -13.32 -7.39
N TYR B 51 18.56 -12.73 -7.90
CA TYR B 51 18.31 -11.30 -7.72
C TYR B 51 18.03 -10.97 -6.25
N TYR B 52 17.28 -11.84 -5.58
CA TYR B 52 17.00 -11.64 -4.15
C TYR B 52 18.29 -11.68 -3.33
N ARG B 53 19.17 -12.60 -3.66
CA ARG B 53 20.43 -12.66 -2.93
C ARG B 53 21.27 -11.43 -3.16
N GLU B 54 21.37 -11.02 -4.40
CA GLU B 54 22.24 -9.90 -4.74
C GLU B 54 21.76 -8.63 -4.07
N ASN B 55 20.43 -8.48 -4.01
CA ASN B 55 19.79 -7.22 -3.67
C ASN B 55 18.95 -7.27 -2.38
N MET B 56 19.20 -8.25 -1.54
CA MET B 56 18.41 -8.55 -0.36
C MET B 56 18.11 -7.31 0.51
N TYR B 57 19.10 -6.44 0.68
CA TYR B 57 18.92 -5.31 1.59
C TYR B 57 17.97 -4.24 1.06
N ARG B 58 17.55 -4.34 -0.21
CA ARG B 58 16.53 -3.42 -0.77
C ARG B 58 15.15 -3.61 -0.15
N TYR B 59 14.91 -4.80 0.40
CA TYR B 59 13.59 -5.20 0.80
C TYR B 59 13.41 -4.96 2.29
N PRO B 60 12.16 -4.83 2.76
CA PRO B 60 11.93 -4.56 4.17
C PRO B 60 12.47 -5.67 5.06
N ASN B 61 12.76 -5.33 6.31
CA ASN B 61 13.00 -6.35 7.34
C ASN B 61 12.09 -6.21 8.56
N GLN B 62 11.00 -5.46 8.40
CA GLN B 62 9.96 -5.33 9.43
C GLN B 62 8.66 -5.08 8.70
N VAL B 63 7.56 -5.41 9.36
CA VAL B 63 6.24 -5.33 8.73
C VAL B 63 5.24 -4.51 9.53
N TYR B 64 4.45 -3.72 8.81
CA TYR B 64 3.37 -2.91 9.38
C TYR B 64 2.10 -3.77 9.33
N TYR B 65 1.28 -3.66 10.36
CA TYR B 65 0.07 -4.48 10.44
C TYR B 65 -0.96 -3.91 11.38
N ARG B 66 -2.21 -4.33 11.21
CA ARG B 66 -3.24 -4.03 12.17
C ARG B 66 -3.20 -5.12 13.25
N PRO B 67 -3.64 -4.79 14.47
CA PRO B 67 -3.55 -5.74 15.57
C PRO B 67 -4.15 -7.12 15.28
N VAL B 68 -3.45 -8.17 15.70
CA VAL B 68 -3.80 -9.53 15.28
C VAL B 68 -5.18 -9.94 15.75
N ASP B 69 -5.63 -9.33 16.84
CA ASP B 69 -6.95 -9.68 17.37
C ASP B 69 -8.08 -9.09 16.55
N GLN B 70 -7.75 -8.32 15.50
CA GLN B 70 -8.78 -7.81 14.58
C GLN B 70 -9.11 -8.81 13.47
N TYR B 71 -8.40 -9.93 13.46
CA TYR B 71 -8.55 -10.95 12.42
C TYR B 71 -8.89 -12.31 12.99
N ASN B 72 -9.78 -13.02 12.28
CA ASN B 72 -10.12 -14.39 12.60
C ASN B 72 -9.28 -15.37 11.81
N ASN B 73 -8.61 -14.92 10.76
CA ASN B 73 -7.66 -15.81 10.12
C ASN B 73 -6.44 -15.17 9.54
N GLN B 74 -5.42 -16.01 9.45
CA GLN B 74 -4.09 -15.63 9.05
C GLN B 74 -4.13 -14.99 7.67
N ASN B 75 -4.87 -15.59 6.75
CA ASN B 75 -4.84 -15.13 5.37
C ASN B 75 -5.24 -13.66 5.26
N ASN B 76 -6.29 -13.27 5.97
CA ASN B 76 -6.77 -11.91 5.87
C ASN B 76 -5.80 -10.92 6.54
N PHE B 77 -5.18 -11.37 7.63
CA PHE B 77 -4.13 -10.57 8.27
C PHE B 77 -2.99 -10.30 7.29
N VAL B 78 -2.53 -11.35 6.64
CA VAL B 78 -1.36 -11.30 5.79
C VAL B 78 -1.64 -10.42 4.57
N HIS B 79 -2.83 -10.55 4.00
CA HIS B 79 -3.24 -9.70 2.89
C HIS B 79 -3.08 -8.20 3.23
N ASP B 80 -3.60 -7.79 4.36
CA ASP B 80 -3.49 -6.40 4.78
C ASP B 80 -2.04 -6.00 5.13
N CYS B 81 -1.35 -6.82 5.90
CA CYS B 81 0.07 -6.60 6.25
C CYS B 81 0.97 -6.44 5.01
N VAL B 82 0.72 -7.25 3.98
CA VAL B 82 1.50 -7.14 2.74
C VAL B 82 1.18 -5.81 2.06
N ASN B 83 -0.10 -5.49 1.96
CA ASN B 83 -0.47 -4.27 1.27
C ASN B 83 0.09 -3.03 1.95
N ILE B 84 -0.05 -2.96 3.27
CA ILE B 84 0.41 -1.77 3.96
C ILE B 84 1.94 -1.68 4.00
N THR B 85 2.60 -2.82 4.13
CA THR B 85 4.05 -2.81 4.20
C THR B 85 4.67 -2.45 2.86
N VAL B 86 4.17 -3.08 1.79
CA VAL B 86 4.62 -2.75 0.46
C VAL B 86 4.33 -1.29 0.12
N LYS B 87 3.15 -0.79 0.50
CA LYS B 87 2.85 0.62 0.24
C LYS B 87 3.86 1.51 0.96
N GLN B 88 4.12 1.25 2.23
CA GLN B 88 5.00 2.13 3.02
C GLN B 88 6.41 2.12 2.46
N HIS B 89 6.89 0.95 2.09
CA HIS B 89 8.26 0.83 1.62
C HIS B 89 8.43 1.50 0.27
N THR B 90 7.43 1.36 -0.60
CA THR B 90 7.49 1.95 -1.94
CA THR B 90 7.53 1.96 -1.92
C THR B 90 7.38 3.48 -1.86
N VAL B 91 6.52 3.96 -0.97
CA VAL B 91 6.39 5.41 -0.77
C VAL B 91 7.67 6.01 -0.21
N THR B 92 8.26 5.34 0.76
CA THR B 92 9.50 5.82 1.40
C THR B 92 10.61 5.91 0.39
N THR B 93 10.66 4.92 -0.48
CA THR B 93 11.70 4.79 -1.47
C THR B 93 11.52 5.83 -2.59
N THR B 94 10.29 6.02 -3.05
CA THR B 94 10.04 6.89 -4.20
C THR B 94 10.37 8.33 -3.88
N THR B 95 10.06 8.73 -2.66
CA THR B 95 10.21 10.11 -2.25
C THR B 95 11.67 10.53 -2.03
N LYS B 96 12.56 9.54 -1.97
CA LYS B 96 14.00 9.76 -1.86
C LYS B 96 14.65 9.78 -3.24
N GLY B 97 13.84 9.61 -4.28
CA GLY B 97 14.35 9.57 -5.65
C GLY B 97 14.85 8.21 -6.09
N GLU B 98 14.47 7.14 -5.39
CA GLU B 98 14.93 5.82 -5.76
C GLU B 98 13.77 5.04 -6.39
N ASN B 99 14.08 3.87 -6.94
CA ASN B 99 13.13 3.10 -7.72
C ASN B 99 13.25 1.62 -7.45
N PHE B 100 12.14 0.92 -7.60
CA PHE B 100 12.10 -0.53 -7.63
C PHE B 100 11.77 -0.99 -9.03
N THR B 101 12.44 -2.06 -9.46
CA THR B 101 12.12 -2.72 -10.71
C THR B 101 10.90 -3.65 -10.58
N GLU B 102 10.38 -4.12 -11.71
CA GLU B 102 9.33 -5.13 -11.67
C GLU B 102 9.77 -6.36 -10.88
N THR B 103 11.02 -6.78 -11.04
CA THR B 103 11.53 -7.95 -10.34
C THR B 103 11.60 -7.67 -8.84
N ASP B 104 12.04 -6.47 -8.48
CA ASP B 104 12.07 -6.05 -7.05
C ASP B 104 10.68 -6.25 -6.46
N ILE B 105 9.65 -5.78 -7.17
CA ILE B 105 8.31 -5.81 -6.61
C ILE B 105 7.84 -7.24 -6.40
N LYS B 106 8.13 -8.13 -7.35
CA LYS B 106 7.75 -9.53 -7.21
C LYS B 106 8.40 -10.15 -5.99
N ILE B 107 9.68 -9.89 -5.83
CA ILE B 107 10.45 -10.44 -4.73
C ILE B 107 9.93 -9.83 -3.45
N MET B 108 9.73 -8.51 -3.43
CA MET B 108 9.31 -7.82 -2.23
CA MET B 108 9.31 -7.83 -2.22
C MET B 108 8.00 -8.40 -1.70
N GLU B 109 7.05 -8.64 -2.59
CA GLU B 109 5.77 -9.16 -2.15
C GLU B 109 5.91 -10.50 -1.46
N ARG B 110 6.75 -11.37 -2.02
CA ARG B 110 7.01 -12.69 -1.44
C ARG B 110 7.72 -12.60 -0.07
N VAL B 111 8.73 -11.75 0.03
CA VAL B 111 9.49 -11.58 1.27
C VAL B 111 8.58 -11.06 2.35
N VAL B 112 7.77 -10.08 2.00
CA VAL B 112 6.91 -9.44 2.98
C VAL B 112 5.80 -10.38 3.38
N GLU B 113 5.31 -11.17 2.44
CA GLU B 113 4.29 -12.18 2.76
C GLU B 113 4.82 -13.12 3.83
N GLN B 114 6.04 -13.62 3.64
CA GLN B 114 6.59 -14.54 4.62
C GLN B 114 6.79 -13.87 5.97
N MET B 115 7.27 -12.63 5.99
CA MET B 115 7.48 -11.95 7.27
C MET B 115 6.15 -11.69 7.98
N CYS B 116 5.12 -11.41 7.19
CA CYS B 116 3.79 -11.18 7.73
C CYS B 116 3.23 -12.45 8.38
N ILE B 117 3.44 -13.59 7.74
CA ILE B 117 3.04 -14.86 8.31
C ILE B 117 3.73 -15.09 9.65
N THR B 118 5.05 -14.87 9.65
CA THR B 118 5.86 -15.00 10.86
C THR B 118 5.34 -14.07 11.95
N GLN B 119 5.06 -12.84 11.59
CA GLN B 119 4.56 -11.86 12.55
C GLN B 119 3.24 -12.32 13.14
N TYR B 120 2.30 -12.73 12.29
CA TYR B 120 1.02 -13.22 12.75
C TYR B 120 1.17 -14.33 13.77
N GLN B 121 1.98 -15.31 13.45
CA GLN B 121 2.13 -16.48 14.30
C GLN B 121 2.84 -16.14 15.60
N GLN B 122 3.87 -15.32 15.51
CA GLN B 122 4.55 -14.91 16.70
C GLN B 122 3.71 -14.05 17.62
N GLU B 123 3.03 -13.06 17.08
CA GLU B 123 2.24 -12.18 17.92
C GLU B 123 1.02 -12.88 18.45
N SER B 124 0.44 -13.77 17.66
CA SER B 124 -0.69 -14.56 18.17
C SER B 124 -0.28 -15.44 19.35
N GLN B 125 0.87 -16.07 19.24
CA GLN B 125 1.39 -16.92 20.32
C GLN B 125 1.73 -16.10 21.56
N ALA B 126 2.36 -14.96 21.37
CA ALA B 126 2.68 -14.14 22.52
C ALA B 126 1.41 -13.71 23.22
N ALA B 127 0.40 -13.28 22.46
CA ALA B 127 -0.87 -12.90 23.09
C ALA B 127 -1.50 -14.05 23.84
N TYR B 128 -1.42 -15.24 23.27
CA TYR B 128 -2.00 -16.43 23.87
C TYR B 128 -1.31 -16.69 25.23
N GLN B 129 0.01 -16.57 25.23
CA GLN B 129 0.80 -16.74 26.46
C GLN B 129 0.44 -15.68 27.52
N ARG B 130 0.28 -14.43 27.10
CA ARG B 130 -0.09 -13.34 28.03
C ARG B 130 -1.51 -13.46 28.60
N ALA B 131 -2.41 -14.07 27.83
CA ALA B 131 -3.81 -14.23 28.24
C ALA B 131 -4.01 -15.40 29.16
N ALA B 132 -3.05 -16.33 29.17
CA ALA B 132 -3.27 -17.61 29.82
C ALA B 132 -3.42 -17.46 31.32
CL CL C . -8.63 14.75 -15.10
NA NA D . -3.61 28.43 3.44
CL CL E . 18.70 -9.51 6.70
NA NA F . 23.90 -5.76 -3.67
C1 GOL G . -5.54 -2.73 2.55
O1 GOL G . -5.30 -4.15 2.44
C2 GOL G . -5.43 -2.29 4.02
O2 GOL G . -5.92 -0.96 4.19
C3 GOL G . -3.99 -2.40 4.51
O3 GOL G . -3.91 -2.48 5.95
C1 GOL H . 17.78 -16.99 -0.98
O1 GOL H . 16.76 -16.81 0.01
C2 GOL H . 18.27 -18.42 -0.97
O2 GOL H . 19.20 -18.55 -2.02
C3 GOL H . 18.97 -18.71 0.36
O3 GOL H . 19.57 -20.01 0.36
CL CL I . -10.47 -12.22 9.45
#